data_5VWH
#
_entry.id   5VWH
#
_cell.length_a   51.174
_cell.length_b   81.773
_cell.length_c   109.148
_cell.angle_alpha   90.00
_cell.angle_beta   90.00
_cell.angle_gamma   90.00
#
_symmetry.space_group_name_H-M   'P 21 21 21'
#
loop_
_entity.id
_entity.type
_entity.pdbx_description
1 polymer 'HLA class I histocompatibility antigen, B-58 alpha chain'
2 polymer Beta-2-microglobulin
3 polymer 'Nonamer peptide: LEU-SER-SER-PRO-VAL-THR-LYS-SER-TRP'
4 water water
#
loop_
_entity_poly.entity_id
_entity_poly.type
_entity_poly.pdbx_seq_one_letter_code
_entity_poly.pdbx_strand_id
1 'polypeptide(L)'
;GSHSMRYFYTAMSRPGRGEPRFIAVGYVDDTQFVRFDSDAASPRTEPRAPWIEQEGPEYWDGETRNMKASAQTYRENLRI
ALRYYNQSEAGSHIIQRMYGCDLGPDGRLLRGHDQSAYDGKDYIALNEDLSSWTAADTAAQITQRKWEAARVAEQLRAYL
EGLCVEWLRRYLENGKETLQRADPPKTHVTHHPVSDHEATLRCWALGFYPAEITLTWQRDGEDQTQDTELVETRPAGDRT
FQKWAAVVVPSGEEQRYTCHVQHEGLPKPLTLRWEP
;
A
2 'polypeptide(L)'
;MIQRTPKIQVYSRHPAENGKSNFLNCYVSGFHPSDIEVDLLKNGERIEKVEHSDLSFSKDWSFYLLYYTEFTPTEKDEYA
CRVNHVTLSQPKIVKWDRDM
;
B
3 'polypeptide(L)' LSSPVTKSW C
#
# COMPACT_ATOMS: atom_id res chain seq x y z
N GLY A 1 -9.95 -6.54 18.38
CA GLY A 1 -9.65 -6.35 16.98
C GLY A 1 -8.99 -7.57 16.34
N SER A 2 -9.23 -7.76 15.06
CA SER A 2 -8.51 -8.78 14.30
C SER A 2 -7.22 -8.14 13.82
N HIS A 3 -6.19 -8.95 13.57
CA HIS A 3 -4.88 -8.41 13.25
C HIS A 3 -4.21 -9.30 12.23
N SER A 4 -3.29 -8.72 11.45
CA SER A 4 -2.62 -9.51 10.43
C SER A 4 -1.16 -9.08 10.32
N MET A 5 -0.33 -10.01 9.84
CA MET A 5 1.05 -9.68 9.50
C MET A 5 1.24 -10.04 8.02
N ARG A 6 1.90 -9.16 7.25
CA ARG A 6 2.10 -9.43 5.83
C ARG A 6 3.46 -8.97 5.41
N TYR A 7 4.12 -9.80 4.62
CA TYR A 7 5.35 -9.38 3.96
C TYR A 7 5.07 -9.23 2.50
N PHE A 8 5.75 -8.29 1.87
CA PHE A 8 5.54 -7.96 0.45
C PHE A 8 6.92 -7.92 -0.16
N TYR A 9 7.16 -8.82 -1.12
CA TYR A 9 8.45 -8.86 -1.86
C TYR A 9 8.24 -8.40 -3.28
N THR A 10 9.18 -7.58 -3.78
CA THR A 10 9.18 -7.19 -5.20
C THR A 10 10.57 -7.40 -5.78
N ALA A 11 10.67 -8.14 -6.89
CA ALA A 11 11.97 -8.34 -7.57
C ALA A 11 11.78 -7.85 -9.00
N MET A 12 12.65 -6.91 -9.41
CA MET A 12 12.49 -6.26 -10.71
CA MET A 12 12.50 -6.16 -10.67
C MET A 12 13.76 -6.35 -11.53
N SER A 13 13.69 -7.01 -12.69
CA SER A 13 14.89 -7.12 -13.53
C SER A 13 15.08 -5.87 -14.35
N ARG A 14 16.32 -5.63 -14.81
CA ARG A 14 16.62 -4.38 -15.51
C ARG A 14 17.84 -4.63 -16.41
N PRO A 15 17.61 -5.33 -17.53
CA PRO A 15 18.70 -5.70 -18.43
C PRO A 15 19.58 -4.53 -18.81
N GLY A 16 20.89 -4.73 -18.66
CA GLY A 16 21.83 -3.66 -19.02
C GLY A 16 22.12 -2.74 -17.87
N ARG A 17 21.41 -2.93 -16.74
CA ARG A 17 21.52 -2.00 -15.61
C ARG A 17 21.70 -2.79 -14.32
N GLY A 18 22.45 -3.89 -14.43
CA GLY A 18 22.81 -4.67 -13.28
C GLY A 18 21.83 -5.78 -12.95
N GLU A 19 22.00 -6.35 -11.76
CA GLU A 19 21.19 -7.49 -11.34
C GLU A 19 19.85 -6.95 -10.88
N PRO A 20 18.82 -7.79 -10.81
CA PRO A 20 17.50 -7.32 -10.39
C PRO A 20 17.47 -6.74 -8.96
N ARG A 21 16.69 -5.69 -8.79
CA ARG A 21 16.49 -5.08 -7.48
C ARG A 21 15.51 -5.93 -6.69
N PHE A 22 15.80 -6.18 -5.41
CA PHE A 22 14.82 -6.86 -4.55
C PHE A 22 14.48 -5.96 -3.38
N ILE A 23 13.18 -5.69 -3.15
CA ILE A 23 12.77 -4.92 -1.99
C ILE A 23 11.76 -5.74 -1.22
N ALA A 24 11.94 -5.80 0.11
CA ALA A 24 10.93 -6.47 0.94
C ALA A 24 10.47 -5.52 2.02
N VAL A 25 9.15 -5.50 2.30
CA VAL A 25 8.65 -4.71 3.44
C VAL A 25 7.73 -5.60 4.25
N GLY A 26 7.71 -5.37 5.56
CA GLY A 26 6.80 -6.12 6.40
C GLY A 26 5.88 -5.19 7.16
N TYR A 27 4.61 -5.62 7.31
CA TYR A 27 3.56 -4.85 7.96
C TYR A 27 2.90 -5.63 9.07
N VAL A 28 2.50 -4.94 10.15
CA VAL A 28 1.46 -5.48 11.04
C VAL A 28 0.23 -4.55 10.81
N ASP A 29 -0.89 -5.13 10.38
CA ASP A 29 -2.04 -4.33 9.97
C ASP A 29 -1.56 -3.23 9.02
N ASP A 30 -1.86 -1.95 9.29
CA ASP A 30 -1.46 -0.90 8.36
C ASP A 30 -0.20 -0.14 8.77
N THR A 31 0.62 -0.80 9.57
CA THR A 31 1.86 -0.25 10.13
C THR A 31 3.08 -0.99 9.60
N GLN A 32 3.87 -0.31 8.79
CA GLN A 32 5.11 -0.93 8.30
C GLN A 32 6.12 -1.04 9.45
N PHE A 33 6.82 -2.16 9.56
CA PHE A 33 7.81 -2.22 10.64
C PHE A 33 9.21 -2.64 10.21
N VAL A 34 9.38 -3.17 9.00
CA VAL A 34 10.75 -3.49 8.52
C VAL A 34 10.85 -3.22 7.02
N ARG A 35 12.06 -3.03 6.55
CA ARG A 35 12.33 -2.97 5.11
C ARG A 35 13.68 -3.58 4.81
N PHE A 36 13.84 -4.01 3.56
CA PHE A 36 15.13 -4.48 3.01
C PHE A 36 15.18 -4.01 1.57
N ASP A 37 16.29 -3.42 1.13
CA ASP A 37 16.41 -2.98 -0.25
C ASP A 37 17.79 -3.39 -0.78
N SER A 38 17.82 -4.21 -1.81
CA SER A 38 19.14 -4.72 -2.28
C SER A 38 19.95 -3.60 -2.92
N ASP A 39 19.33 -2.46 -3.24
CA ASP A 39 20.06 -1.32 -3.79
C ASP A 39 20.62 -0.37 -2.75
N ALA A 40 20.36 -0.62 -1.48
CA ALA A 40 20.90 0.25 -0.43
C ALA A 40 22.42 0.16 -0.43
N ALA A 41 23.07 1.23 0.05
CA ALA A 41 24.53 1.20 0.15
C ALA A 41 25.01 -0.02 0.92
N SER A 42 24.34 -0.34 2.03
CA SER A 42 24.66 -1.55 2.77
CA SER A 42 24.65 -1.55 2.78
C SER A 42 23.37 -2.31 3.11
N PRO A 43 22.94 -3.21 2.20
CA PRO A 43 21.60 -3.82 2.41
C PRO A 43 21.51 -4.57 3.72
N ARG A 44 20.48 -4.22 4.48
CA ARG A 44 20.25 -4.80 5.80
C ARG A 44 18.74 -4.73 6.04
N THR A 45 18.19 -5.71 6.75
CA THR A 45 16.84 -5.54 7.28
C THR A 45 16.87 -4.44 8.34
N GLU A 46 16.01 -3.43 8.17
CA GLU A 46 16.06 -2.21 8.98
C GLU A 46 14.71 -1.97 9.65
N PRO A 47 14.73 -1.43 10.88
CA PRO A 47 13.48 -1.12 11.59
C PRO A 47 12.78 0.09 10.99
N ARG A 48 11.45 0.03 10.95
CA ARG A 48 10.66 1.13 10.45
C ARG A 48 9.51 1.51 11.41
N ALA A 49 9.47 0.87 12.58
CA ALA A 49 8.50 1.25 13.61
C ALA A 49 9.21 1.21 14.96
N PRO A 50 8.81 2.06 15.92
CA PRO A 50 9.61 2.10 17.14
C PRO A 50 9.58 0.82 18.00
N TRP A 51 8.50 0.06 17.95
CA TRP A 51 8.39 -1.11 18.79
C TRP A 51 9.18 -2.31 18.30
N ILE A 52 9.75 -2.25 17.09
CA ILE A 52 10.57 -3.36 16.60
C ILE A 52 12.05 -3.13 16.96
N GLU A 53 12.38 -1.90 17.32
CA GLU A 53 13.77 -1.53 17.58
C GLU A 53 14.42 -2.31 18.72
N GLN A 54 13.62 -2.74 19.69
CA GLN A 54 14.13 -3.50 20.82
C GLN A 54 14.62 -4.88 20.47
N GLU A 55 14.34 -5.36 19.25
CA GLU A 55 14.78 -6.70 18.90
C GLU A 55 16.30 -6.69 18.80
N GLY A 56 16.89 -7.80 19.22
CA GLY A 56 18.33 -7.90 19.42
C GLY A 56 19.09 -8.20 18.15
N PRO A 57 20.43 -8.22 18.22
CA PRO A 57 21.28 -8.46 17.04
C PRO A 57 20.99 -9.76 16.30
N GLU A 58 20.58 -10.82 17.02
CA GLU A 58 20.30 -12.10 16.42
C GLU A 58 19.07 -11.97 15.48
N TYR A 59 18.12 -11.16 15.91
CA TYR A 59 16.95 -10.89 15.06
C TYR A 59 17.38 -10.22 13.75
N TRP A 60 18.12 -9.12 13.84
CA TRP A 60 18.46 -8.32 12.66
C TRP A 60 19.42 -9.09 11.77
N ASP A 61 20.36 -9.81 12.36
CA ASP A 61 21.27 -10.61 11.54
C ASP A 61 20.54 -11.74 10.82
N GLY A 62 19.60 -12.40 11.49
CA GLY A 62 18.89 -13.52 10.94
C GLY A 62 17.97 -13.06 9.82
N GLU A 63 17.28 -11.94 10.07
CA GLU A 63 16.38 -11.40 9.04
C GLU A 63 17.15 -10.91 7.81
N THR A 64 18.31 -10.29 8.03
CA THR A 64 19.15 -9.85 6.93
C THR A 64 19.64 -11.05 6.15
N ARG A 65 20.05 -12.12 6.83
CA ARG A 65 20.47 -13.30 6.09
C ARG A 65 19.33 -13.88 5.26
N ASN A 66 18.13 -13.94 5.83
CA ASN A 66 17.00 -14.50 5.11
CA ASN A 66 16.97 -14.49 5.12
C ASN A 66 16.66 -13.66 3.89
N MET A 67 16.70 -12.34 4.05
CA MET A 67 16.26 -11.50 2.94
CA MET A 67 16.32 -11.43 2.98
C MET A 67 17.33 -11.44 1.84
N LYS A 68 18.61 -11.55 2.21
CA LYS A 68 19.62 -11.66 1.18
C LYS A 68 19.53 -12.96 0.41
N ALA A 69 19.17 -14.04 1.10
CA ALA A 69 18.99 -15.32 0.44
C ALA A 69 17.78 -15.28 -0.50
N SER A 70 16.69 -14.64 -0.03
CA SER A 70 15.50 -14.43 -0.87
C SER A 70 15.81 -13.59 -2.10
N ALA A 71 16.64 -12.56 -1.96
CA ALA A 71 16.99 -11.75 -3.13
C ALA A 71 17.66 -12.63 -4.19
N GLN A 72 18.55 -13.51 -3.75
CA GLN A 72 19.22 -14.38 -4.72
C GLN A 72 18.26 -15.38 -5.37
N THR A 73 17.36 -15.92 -4.56
CA THR A 73 16.34 -16.83 -5.09
C THR A 73 15.45 -16.15 -6.13
N TYR A 74 15.02 -14.92 -5.86
CA TYR A 74 14.13 -14.23 -6.81
C TYR A 74 14.84 -13.75 -8.07
N ARG A 75 16.15 -13.44 -7.96
CA ARG A 75 16.94 -13.22 -9.19
C ARG A 75 16.96 -14.48 -10.07
N GLU A 76 17.12 -15.66 -9.47
CA GLU A 76 17.05 -16.89 -10.24
C GLU A 76 15.63 -17.10 -10.76
N ASN A 77 14.61 -16.80 -9.93
CA ASN A 77 13.24 -16.99 -10.42
C ASN A 77 12.93 -16.13 -11.62
N LEU A 78 13.47 -14.93 -11.68
CA LEU A 78 13.22 -14.11 -12.85
C LEU A 78 13.84 -14.75 -14.11
N ARG A 79 15.02 -15.38 -13.96
CA ARG A 79 15.63 -16.07 -15.12
C ARG A 79 14.78 -17.28 -15.54
N ILE A 80 14.29 -18.02 -14.55
CA ILE A 80 13.45 -19.19 -14.79
C ILE A 80 12.16 -18.75 -15.50
N ALA A 81 11.56 -17.64 -15.07
CA ALA A 81 10.29 -17.19 -15.68
C ALA A 81 10.46 -16.85 -17.15
N LEU A 82 11.61 -16.26 -17.50
CA LEU A 82 11.88 -16.00 -18.91
C LEU A 82 11.81 -17.26 -19.75
N ARG A 83 12.38 -18.35 -19.24
CA ARG A 83 12.32 -19.63 -19.94
C ARG A 83 10.89 -20.11 -20.06
N TYR A 84 10.13 -20.00 -18.97
CA TYR A 84 8.81 -20.61 -18.94
C TYR A 84 7.84 -19.91 -19.89
N TYR A 85 8.04 -18.63 -20.12
CA TYR A 85 7.20 -17.85 -21.01
C TYR A 85 7.84 -17.56 -22.36
N ASN A 86 8.97 -18.18 -22.66
CA ASN A 86 9.65 -18.01 -23.95
CA ASN A 86 9.65 -18.00 -23.96
C ASN A 86 9.98 -16.54 -24.23
N GLN A 87 10.45 -15.83 -23.20
CA GLN A 87 10.70 -14.41 -23.34
C GLN A 87 12.18 -14.11 -23.56
N SER A 88 12.44 -13.01 -24.24
CA SER A 88 13.82 -12.59 -24.52
C SER A 88 14.52 -12.02 -23.28
N GLU A 89 15.84 -11.89 -23.35
CA GLU A 89 16.56 -11.29 -22.22
C GLU A 89 16.55 -9.75 -22.30
N ALA A 90 15.80 -9.18 -23.22
CA ALA A 90 15.81 -7.73 -23.43
C ALA A 90 14.86 -6.93 -22.52
N GLY A 91 13.79 -7.57 -22.04
CA GLY A 91 12.80 -6.81 -21.33
C GLY A 91 12.93 -6.84 -19.82
N SER A 92 12.31 -5.86 -19.18
CA SER A 92 12.22 -5.77 -17.71
CA SER A 92 12.24 -5.81 -17.72
C SER A 92 10.98 -6.49 -17.23
N HIS A 93 11.12 -7.32 -16.19
CA HIS A 93 9.99 -8.09 -15.64
C HIS A 93 9.99 -8.00 -14.13
N ILE A 94 8.83 -8.31 -13.55
CA ILE A 94 8.66 -8.18 -12.09
C ILE A 94 8.04 -9.43 -11.48
N ILE A 95 8.64 -9.94 -10.41
CA ILE A 95 7.95 -10.95 -9.58
C ILE A 95 7.54 -10.27 -8.28
N GLN A 96 6.31 -10.56 -7.84
CA GLN A 96 5.84 -10.09 -6.55
C GLN A 96 5.35 -11.25 -5.72
N ARG A 97 5.49 -11.10 -4.39
CA ARG A 97 4.99 -12.15 -3.50
C ARG A 97 4.44 -11.46 -2.26
N MET A 98 3.27 -11.92 -1.81
CA MET A 98 2.76 -11.46 -0.50
C MET A 98 2.39 -12.67 0.33
N TYR A 99 2.77 -12.64 1.60
CA TYR A 99 2.42 -13.79 2.47
C TYR A 99 2.23 -13.32 3.90
N GLY A 100 1.53 -14.13 4.69
CA GLY A 100 1.43 -13.77 6.11
C GLY A 100 0.24 -14.46 6.74
N CYS A 101 -0.17 -13.99 7.91
CA CYS A 101 -1.20 -14.69 8.69
C CYS A 101 -2.20 -13.69 9.21
N ASP A 102 -3.44 -14.15 9.35
CA ASP A 102 -4.51 -13.34 9.92
C ASP A 102 -4.93 -13.98 11.20
N LEU A 103 -5.13 -13.17 12.23
CA LEU A 103 -5.67 -13.63 13.52
C LEU A 103 -7.07 -13.11 13.72
N GLY A 104 -7.92 -13.91 14.36
CA GLY A 104 -9.27 -13.47 14.72
C GLY A 104 -9.22 -12.65 16.00
N PRO A 105 -10.37 -12.16 16.45
CA PRO A 105 -10.40 -11.40 17.71
C PRO A 105 -9.92 -12.27 18.89
N ASP A 106 -10.11 -13.58 18.75
CA ASP A 106 -9.60 -14.57 19.71
C ASP A 106 -8.10 -14.52 19.86
N GLY A 107 -7.41 -14.15 18.78
CA GLY A 107 -5.97 -14.21 18.76
C GLY A 107 -5.54 -15.52 18.14
N ARG A 108 -6.49 -16.28 17.63
CA ARG A 108 -6.09 -17.55 17.02
C ARG A 108 -6.01 -17.40 15.49
N LEU A 109 -5.26 -18.30 14.84
CA LEU A 109 -5.08 -18.23 13.39
C LEU A 109 -6.38 -18.34 12.67
N LEU A 110 -6.67 -17.33 11.86
CA LEU A 110 -7.90 -17.31 11.08
C LEU A 110 -7.61 -17.94 9.72
N ARG A 111 -6.54 -17.44 9.07
CA ARG A 111 -6.06 -18.08 7.85
C ARG A 111 -4.68 -17.56 7.48
N GLY A 112 -3.98 -18.33 6.65
CA GLY A 112 -2.66 -17.97 6.14
C GLY A 112 -2.72 -17.66 4.65
N HIS A 113 -1.70 -16.94 4.16
CA HIS A 113 -1.63 -16.55 2.75
C HIS A 113 -0.22 -16.72 2.22
N ASP A 114 -0.04 -17.17 0.98
CA ASP A 114 1.26 -17.04 0.29
C ASP A 114 0.99 -17.04 -1.22
N GLN A 115 1.03 -15.85 -1.83
CA GLN A 115 0.54 -15.68 -3.22
C GLN A 115 1.63 -14.99 -4.02
N SER A 116 1.82 -15.40 -5.28
CA SER A 116 2.86 -14.77 -6.10
C SER A 116 2.34 -14.35 -7.46
N ALA A 117 2.99 -13.36 -8.06
CA ALA A 117 2.61 -12.81 -9.35
C ALA A 117 3.78 -12.65 -10.27
N TYR A 118 3.52 -12.68 -11.58
CA TYR A 118 4.58 -12.36 -12.56
C TYR A 118 4.05 -11.29 -13.48
N ASP A 119 4.81 -10.20 -13.61
CA ASP A 119 4.35 -9.03 -14.40
C ASP A 119 2.92 -8.60 -14.06
N GLY A 120 2.62 -8.62 -12.77
CA GLY A 120 1.38 -8.02 -12.31
C GLY A 120 0.15 -8.92 -12.43
N LYS A 121 0.35 -10.15 -12.88
CA LYS A 121 -0.73 -11.13 -13.01
C LYS A 121 -0.51 -12.29 -12.05
N ASP A 122 -1.59 -12.79 -11.46
CA ASP A 122 -1.48 -14.01 -10.65
C ASP A 122 -0.61 -15.08 -11.31
N TYR A 123 0.31 -15.65 -10.55
CA TYR A 123 1.14 -16.76 -11.00
C TYR A 123 0.81 -18.04 -10.25
N ILE A 124 1.02 -18.07 -8.93
CA ILE A 124 0.66 -19.25 -8.14
C ILE A 124 0.27 -18.82 -6.73
N ALA A 125 -0.66 -19.56 -6.11
CA ALA A 125 -1.12 -19.19 -4.79
C ALA A 125 -1.24 -20.45 -3.94
N LEU A 126 -0.84 -20.33 -2.68
CA LEU A 126 -1.12 -21.40 -1.69
C LEU A 126 -2.61 -21.34 -1.32
N ASN A 127 -3.30 -22.48 -1.44
CA ASN A 127 -4.71 -22.50 -1.12
C ASN A 127 -4.94 -22.36 0.39
N GLU A 128 -6.17 -22.05 0.77
CA GLU A 128 -6.49 -21.77 2.19
C GLU A 128 -6.19 -22.96 3.09
N ASP A 129 -6.24 -24.17 2.52
CA ASP A 129 -5.88 -25.37 3.31
C ASP A 129 -4.41 -25.49 3.69
N LEU A 130 -3.59 -24.59 3.14
CA LEU A 130 -2.15 -24.58 3.32
C LEU A 130 -1.49 -25.89 2.94
N SER A 131 -2.06 -26.60 1.95
CA SER A 131 -1.48 -27.87 1.57
C SER A 131 -1.53 -28.13 0.07
N SER A 132 -2.23 -27.29 -0.67
CA SER A 132 -2.32 -27.44 -2.13
C SER A 132 -2.17 -26.06 -2.79
N TRP A 133 -1.99 -26.07 -4.11
CA TRP A 133 -1.68 -24.86 -4.87
C TRP A 133 -2.72 -24.60 -5.97
N THR A 134 -2.90 -23.34 -6.29
CA THR A 134 -3.65 -22.92 -7.48
C THR A 134 -2.66 -22.22 -8.41
N ALA A 135 -2.38 -22.87 -9.54
CA ALA A 135 -1.52 -22.30 -10.58
C ALA A 135 -2.33 -21.62 -11.67
N ALA A 136 -1.87 -20.43 -12.09
CA ALA A 136 -2.68 -19.63 -12.98
C ALA A 136 -2.56 -20.04 -14.46
N ASP A 137 -1.48 -20.71 -14.82
CA ASP A 137 -1.26 -21.06 -16.22
C ASP A 137 -0.28 -22.21 -16.34
N THR A 138 0.07 -22.62 -17.57
CA THR A 138 0.87 -23.85 -17.69
C THR A 138 2.32 -23.65 -17.26
N ALA A 139 2.81 -22.40 -17.26
CA ALA A 139 4.12 -22.12 -16.67
C ALA A 139 4.08 -22.35 -15.14
N ALA A 140 3.10 -21.74 -14.49
CA ALA A 140 2.99 -21.93 -13.04
C ALA A 140 2.73 -23.38 -12.64
N GLN A 141 2.13 -24.17 -13.54
CA GLN A 141 1.97 -25.61 -13.26
C GLN A 141 3.30 -26.32 -13.15
N ILE A 142 4.31 -25.82 -13.87
CA ILE A 142 5.64 -26.40 -13.75
C ILE A 142 6.20 -26.13 -12.35
N THR A 143 6.12 -24.88 -11.89
CA THR A 143 6.48 -24.59 -10.52
C THR A 143 5.68 -25.42 -9.51
N GLN A 144 4.37 -25.55 -9.74
CA GLN A 144 3.52 -26.33 -8.84
C GLN A 144 4.05 -27.77 -8.66
N ARG A 145 4.35 -28.42 -9.79
CA ARG A 145 4.94 -29.76 -9.78
C ARG A 145 6.20 -29.79 -8.94
N LYS A 146 7.10 -28.81 -9.15
CA LYS A 146 8.34 -28.78 -8.38
C LYS A 146 8.07 -28.65 -6.88
N TRP A 147 7.15 -27.76 -6.52
CA TRP A 147 6.88 -27.51 -5.13
C TRP A 147 6.16 -28.65 -4.45
N GLU A 148 5.38 -29.40 -5.23
CA GLU A 148 4.70 -30.60 -4.71
C GLU A 148 5.75 -31.64 -4.44
N ALA A 149 6.64 -31.84 -5.41
CA ALA A 149 7.70 -32.83 -5.21
C ALA A 149 8.63 -32.47 -4.04
N ALA A 150 8.78 -31.18 -3.73
CA ALA A 150 9.67 -30.74 -2.66
C ALA A 150 8.96 -30.47 -1.32
N ARG A 151 7.66 -30.75 -1.26
CA ARG A 151 6.86 -30.54 -0.06
C ARG A 151 6.95 -29.08 0.46
N VAL A 152 6.90 -28.13 -0.45
CA VAL A 152 7.01 -26.72 -0.06
C VAL A 152 5.81 -26.26 0.79
N ALA A 153 4.60 -26.72 0.47
CA ALA A 153 3.41 -26.34 1.21
C ALA A 153 3.50 -26.74 2.69
N GLU A 154 4.04 -27.91 2.96
CA GLU A 154 4.20 -28.34 4.35
C GLU A 154 5.11 -27.39 5.14
N GLN A 155 6.16 -26.91 4.49
CA GLN A 155 7.06 -25.99 5.17
C GLN A 155 6.35 -24.68 5.43
N LEU A 156 5.60 -24.21 4.44
CA LEU A 156 4.90 -22.93 4.59
C LEU A 156 3.82 -23.05 5.64
N ARG A 157 3.11 -24.17 5.66
CA ARG A 157 2.10 -24.40 6.67
C ARG A 157 2.74 -24.33 8.06
N ALA A 158 3.92 -24.91 8.22
CA ALA A 158 4.59 -24.91 9.52
C ALA A 158 4.93 -23.50 9.95
N TYR A 159 5.41 -22.68 9.01
CA TYR A 159 5.69 -21.27 9.30
C TYR A 159 4.41 -20.49 9.62
N LEU A 160 3.37 -20.66 8.81
CA LEU A 160 2.20 -19.80 8.96
C LEU A 160 1.45 -20.08 10.26
N GLU A 161 1.37 -21.35 10.63
CA GLU A 161 0.67 -21.73 11.85
C GLU A 161 1.55 -21.58 13.10
N GLY A 162 2.86 -21.48 12.89
CA GLY A 162 3.83 -21.46 13.98
C GLY A 162 4.49 -20.10 14.19
N LEU A 163 5.65 -19.88 13.60
CA LEU A 163 6.39 -18.65 13.81
C LEU A 163 5.61 -17.43 13.40
N CYS A 164 4.85 -17.50 12.31
CA CYS A 164 4.12 -16.30 11.88
C CYS A 164 3.18 -15.78 12.99
N VAL A 165 2.38 -16.68 13.51
CA VAL A 165 1.40 -16.35 14.53
C VAL A 165 2.11 -15.95 15.83
N GLU A 166 3.17 -16.69 16.18
CA GLU A 166 3.89 -16.42 17.43
C GLU A 166 4.49 -15.01 17.46
N TRP A 167 5.14 -14.67 16.35
CA TRP A 167 5.82 -13.39 16.25
C TRP A 167 4.83 -12.26 16.04
N LEU A 168 3.73 -12.48 15.30
CA LEU A 168 2.70 -11.45 15.25
C LEU A 168 2.18 -11.12 16.68
N ARG A 169 1.96 -12.17 17.48
CA ARG A 169 1.44 -11.94 18.84
C ARG A 169 2.47 -11.16 19.64
N ARG A 170 3.74 -11.45 19.40
CA ARG A 170 4.77 -10.74 20.15
C ARG A 170 4.80 -9.28 19.77
N TYR A 171 4.71 -9.00 18.46
CA TYR A 171 4.67 -7.62 18.00
C TYR A 171 3.45 -6.86 18.53
N LEU A 172 2.30 -7.50 18.52
CA LEU A 172 1.09 -6.87 19.03
C LEU A 172 1.23 -6.50 20.51
N GLU A 173 1.92 -7.31 21.29
CA GLU A 173 2.13 -6.97 22.72
C GLU A 173 3.17 -5.85 22.86
N ASN A 174 4.31 -5.97 22.16
CA ASN A 174 5.35 -4.97 22.28
C ASN A 174 4.90 -3.61 21.72
N GLY A 175 4.05 -3.64 20.71
CA GLY A 175 3.56 -2.41 20.11
C GLY A 175 2.14 -2.04 20.50
N LYS A 176 1.67 -2.54 21.65
CA LYS A 176 0.23 -2.45 21.92
C LYS A 176 -0.28 -1.01 22.02
N GLU A 177 0.57 -0.10 22.49
CA GLU A 177 0.18 1.30 22.58
C GLU A 177 -0.36 1.89 21.26
N THR A 178 0.14 1.39 20.13
CA THR A 178 -0.23 1.90 18.82
C THR A 178 -0.97 0.84 18.00
N LEU A 179 -0.44 -0.37 17.98
CA LEU A 179 -1.05 -1.40 17.14
C LEU A 179 -2.44 -1.81 17.63
N GLN A 180 -2.65 -1.72 18.95
CA GLN A 180 -3.95 -2.04 19.53
C GLN A 180 -4.78 -0.77 19.91
N ARG A 181 -4.43 0.35 19.30
CA ARG A 181 -5.21 1.58 19.50
C ARG A 181 -5.85 1.94 18.18
N ALA A 182 -7.18 2.06 18.18
CA ALA A 182 -7.87 2.62 17.02
C ALA A 182 -8.09 4.09 17.26
N ASP A 183 -7.77 4.91 16.25
CA ASP A 183 -8.03 6.35 16.29
C ASP A 183 -9.23 6.61 15.40
N PRO A 184 -10.31 7.12 15.97
CA PRO A 184 -11.49 7.30 15.12
C PRO A 184 -11.32 8.48 14.19
N PRO A 185 -12.11 8.51 13.12
CA PRO A 185 -12.01 9.64 12.19
C PRO A 185 -12.60 10.92 12.76
N LYS A 186 -11.95 12.01 12.43
CA LYS A 186 -12.50 13.35 12.60
C LYS A 186 -13.25 13.66 11.33
N THR A 187 -14.52 14.02 11.47
CA THR A 187 -15.41 14.11 10.30
C THR A 187 -16.04 15.48 10.18
N HIS A 188 -16.23 15.93 8.94
CA HIS A 188 -17.01 17.14 8.68
C HIS A 188 -17.53 17.10 7.24
N VAL A 189 -18.54 17.93 6.94
CA VAL A 189 -19.13 17.98 5.61
C VAL A 189 -18.93 19.38 5.04
N THR A 190 -18.40 19.48 3.82
CA THR A 190 -18.25 20.77 3.18
C THR A 190 -19.28 20.92 2.06
N HIS A 191 -19.54 22.17 1.67
CA HIS A 191 -20.57 22.48 0.68
C HIS A 191 -20.00 23.53 -0.27
N HIS A 192 -20.08 23.24 -1.56
CA HIS A 192 -19.63 24.20 -2.58
C HIS A 192 -20.52 24.16 -3.79
N PRO A 193 -21.10 25.32 -4.13
CA PRO A 193 -21.91 25.39 -5.33
C PRO A 193 -21.10 25.03 -6.56
N VAL A 194 -21.71 24.27 -7.43
CA VAL A 194 -21.18 23.96 -8.74
C VAL A 194 -21.70 25.06 -9.67
N SER A 195 -22.95 25.44 -9.42
CA SER A 195 -23.72 26.32 -10.30
C SER A 195 -24.91 26.81 -9.50
N ASP A 196 -25.83 27.53 -10.13
CA ASP A 196 -27.03 28.03 -9.46
C ASP A 196 -28.00 26.97 -8.92
N HIS A 197 -27.94 25.75 -9.46
CA HIS A 197 -28.94 24.75 -9.10
C HIS A 197 -28.36 23.39 -8.70
N GLU A 198 -27.04 23.31 -8.59
CA GLU A 198 -26.34 22.15 -8.01
C GLU A 198 -25.23 22.53 -7.06
N ALA A 199 -24.95 21.63 -6.09
CA ALA A 199 -23.85 21.88 -5.18
C ALA A 199 -23.17 20.56 -4.85
N THR A 200 -21.89 20.64 -4.50
CA THR A 200 -21.14 19.47 -4.07
C THR A 200 -21.16 19.41 -2.56
N LEU A 201 -21.57 18.26 -2.02
CA LEU A 201 -21.40 17.96 -0.61
C LEU A 201 -20.23 16.98 -0.52
N ARG A 202 -19.24 17.27 0.33
CA ARG A 202 -18.10 16.35 0.47
C ARG A 202 -17.98 15.99 1.94
N CYS A 203 -18.03 14.69 2.20
CA CYS A 203 -17.92 14.13 3.56
C CYS A 203 -16.46 13.73 3.77
N TRP A 204 -15.82 14.32 4.78
CA TRP A 204 -14.39 14.10 5.06
C TRP A 204 -14.17 13.23 6.28
N ALA A 205 -13.18 12.34 6.21
CA ALA A 205 -12.73 11.60 7.39
C ALA A 205 -11.22 11.75 7.49
N LEU A 206 -10.72 12.25 8.61
CA LEU A 206 -9.28 12.52 8.75
C LEU A 206 -8.75 11.89 10.02
N GLY A 207 -7.45 11.59 10.04
CA GLY A 207 -6.81 11.23 11.30
C GLY A 207 -7.12 9.85 11.85
N PHE A 208 -7.60 8.91 11.02
CA PHE A 208 -8.03 7.63 11.56
C PHE A 208 -7.00 6.50 11.34
N TYR A 209 -7.09 5.48 12.20
CA TYR A 209 -6.26 4.29 12.15
C TYR A 209 -7.08 3.19 12.80
N PRO A 210 -7.16 2.02 12.18
CA PRO A 210 -6.49 1.60 10.94
C PRO A 210 -7.19 2.14 9.69
N ALA A 211 -6.73 1.73 8.51
CA ALA A 211 -7.19 2.37 7.27
C ALA A 211 -8.62 2.01 6.90
N GLU A 212 -9.08 0.82 7.29
CA GLU A 212 -10.40 0.34 6.91
C GLU A 212 -11.47 1.33 7.38
N ILE A 213 -12.31 1.79 6.45
CA ILE A 213 -13.38 2.74 6.82
C ILE A 213 -14.47 2.57 5.78
N THR A 214 -15.72 2.89 6.14
CA THR A 214 -16.79 2.99 5.14
C THR A 214 -17.41 4.38 5.22
N LEU A 215 -17.41 5.09 4.09
CA LEU A 215 -18.03 6.41 3.98
C LEU A 215 -19.10 6.29 2.91
N THR A 216 -20.35 6.61 3.25
CA THR A 216 -21.41 6.47 2.25
C THR A 216 -22.35 7.67 2.30
N TRP A 217 -22.86 8.07 1.13
CA TRP A 217 -23.90 9.10 1.12
C TRP A 217 -25.25 8.42 0.89
N GLN A 218 -26.27 8.88 1.61
CA GLN A 218 -27.66 8.48 1.39
C GLN A 218 -28.49 9.67 0.99
N ARG A 219 -29.44 9.48 0.08
CA ARG A 219 -30.43 10.51 -0.23
C ARG A 219 -31.76 9.94 0.18
N ASP A 220 -32.48 10.63 1.06
CA ASP A 220 -33.76 10.15 1.58
C ASP A 220 -33.57 8.72 2.07
N GLY A 221 -32.40 8.45 2.65
CA GLY A 221 -32.16 7.16 3.28
C GLY A 221 -31.73 6.01 2.37
N GLU A 222 -31.51 6.31 1.10
CA GLU A 222 -31.11 5.31 0.12
C GLU A 222 -29.67 5.55 -0.34
N ASP A 223 -28.85 4.50 -0.35
CA ASP A 223 -27.45 4.65 -0.73
C ASP A 223 -27.32 5.19 -2.15
N GLN A 224 -26.35 6.08 -2.33
CA GLN A 224 -26.10 6.72 -3.61
C GLN A 224 -24.80 6.22 -4.23
N THR A 225 -24.63 4.91 -4.27
CA THR A 225 -23.34 4.32 -4.67
C THR A 225 -22.89 4.81 -6.05
N GLN A 226 -23.80 4.85 -7.02
CA GLN A 226 -23.44 5.24 -8.37
C GLN A 226 -23.12 6.72 -8.51
N ASP A 227 -23.78 7.55 -7.71
CA ASP A 227 -23.60 8.98 -7.85
C ASP A 227 -22.52 9.54 -6.91
N THR A 228 -21.89 8.67 -6.12
CA THR A 228 -20.88 9.10 -5.17
C THR A 228 -19.50 8.98 -5.74
N GLU A 229 -18.72 10.05 -5.61
CA GLU A 229 -17.29 10.00 -5.94
C GLU A 229 -16.54 9.69 -4.65
N LEU A 230 -15.79 8.60 -4.66
CA LEU A 230 -15.09 8.12 -3.48
C LEU A 230 -13.61 8.06 -3.78
N VAL A 231 -12.76 8.86 -3.13
CA VAL A 231 -11.33 8.73 -3.38
C VAL A 231 -10.73 7.55 -2.59
N GLU A 232 -9.63 7.02 -3.13
CA GLU A 232 -8.89 5.99 -2.43
C GLU A 232 -8.43 6.52 -1.05
N THR A 233 -8.53 5.64 -0.04
CA THR A 233 -8.00 5.98 1.30
C THR A 233 -6.50 6.22 1.16
N ARG A 234 -6.04 7.31 1.76
CA ARG A 234 -4.67 7.77 1.54
C ARG A 234 -3.96 8.02 2.86
N PRO A 235 -2.65 7.79 2.90
CA PRO A 235 -1.91 8.00 4.14
C PRO A 235 -1.56 9.46 4.40
N ALA A 236 -1.67 9.88 5.66
CA ALA A 236 -1.32 11.26 6.01
C ALA A 236 0.16 11.45 6.23
N GLY A 237 0.85 10.35 6.57
CA GLY A 237 2.27 10.38 6.85
C GLY A 237 2.63 10.34 8.34
N ASP A 238 1.61 10.36 9.20
CA ASP A 238 1.82 10.32 10.66
C ASP A 238 1.17 9.08 11.30
N ARG A 239 1.00 8.07 10.47
CA ARG A 239 0.41 6.74 10.77
C ARG A 239 -1.06 6.73 10.39
N THR A 240 -1.69 7.91 10.32
CA THR A 240 -3.14 7.90 10.12
C THR A 240 -3.52 8.00 8.64
N PHE A 241 -4.82 7.89 8.38
CA PHE A 241 -5.33 7.89 7.01
C PHE A 241 -6.42 8.93 6.84
N GLN A 242 -6.72 9.20 5.56
CA GLN A 242 -7.72 10.17 5.15
C GLN A 242 -8.59 9.63 4.04
N LYS A 243 -9.83 10.10 3.95
CA LYS A 243 -10.68 9.69 2.84
C LYS A 243 -11.78 10.72 2.70
N TRP A 244 -12.32 10.90 1.50
CA TRP A 244 -13.57 11.64 1.39
C TRP A 244 -14.52 11.02 0.37
N ALA A 245 -15.80 11.39 0.50
CA ALA A 245 -16.85 10.97 -0.43
C ALA A 245 -17.66 12.17 -0.83
N ALA A 246 -17.97 12.32 -2.12
CA ALA A 246 -18.68 13.52 -2.57
C ALA A 246 -19.86 13.17 -3.44
N VAL A 247 -20.91 13.98 -3.34
CA VAL A 247 -22.09 13.86 -4.21
C VAL A 247 -22.46 15.26 -4.70
N VAL A 248 -22.99 15.31 -5.92
CA VAL A 248 -23.51 16.57 -6.44
C VAL A 248 -25.04 16.54 -6.34
N VAL A 249 -25.60 17.55 -5.70
CA VAL A 249 -27.01 17.48 -5.30
C VAL A 249 -27.72 18.73 -5.80
N PRO A 250 -29.04 18.62 -5.98
CA PRO A 250 -29.79 19.83 -6.42
C PRO A 250 -29.82 20.89 -5.33
N SER A 251 -29.62 22.16 -5.68
CA SER A 251 -29.66 23.24 -4.71
C SER A 251 -31.00 23.20 -4.02
N GLY A 252 -30.98 23.30 -2.69
CA GLY A 252 -32.23 23.28 -1.95
C GLY A 252 -32.59 21.90 -1.44
N GLU A 253 -31.87 20.87 -1.89
CA GLU A 253 -32.10 19.51 -1.40
C GLU A 253 -31.02 19.01 -0.46
N GLU A 254 -30.13 19.88 -0.01
CA GLU A 254 -28.99 19.40 0.77
C GLU A 254 -29.39 18.64 2.02
N GLN A 255 -30.47 19.02 2.68
CA GLN A 255 -30.80 18.32 3.92
C GLN A 255 -31.41 16.93 3.71
N ARG A 256 -31.62 16.53 2.46
CA ARG A 256 -32.09 15.18 2.16
C ARG A 256 -30.92 14.21 2.12
N TYR A 257 -29.71 14.75 2.26
CA TYR A 257 -28.51 13.91 2.13
C TYR A 257 -27.80 13.70 3.47
N THR A 258 -27.43 12.46 3.76
CA THR A 258 -26.71 12.17 5.00
C THR A 258 -25.47 11.38 4.67
N CYS A 259 -24.39 11.66 5.40
CA CYS A 259 -23.18 10.91 5.22
C CYS A 259 -23.03 9.94 6.40
N HIS A 260 -22.68 8.69 6.08
CA HIS A 260 -22.60 7.67 7.13
C HIS A 260 -21.19 7.14 7.21
N VAL A 261 -20.67 7.04 8.44
CA VAL A 261 -19.27 6.70 8.66
C VAL A 261 -19.18 5.50 9.58
N GLN A 262 -18.50 4.46 9.13
CA GLN A 262 -18.23 3.29 9.97
C GLN A 262 -16.73 3.13 10.12
N HIS A 263 -16.28 2.97 11.36
CA HIS A 263 -14.86 2.76 11.63
C HIS A 263 -14.72 2.05 12.94
N GLU A 264 -13.69 1.21 13.05
CA GLU A 264 -13.45 0.44 14.29
C GLU A 264 -13.31 1.30 15.54
N GLY A 265 -12.81 2.51 15.38
CA GLY A 265 -12.63 3.45 16.47
C GLY A 265 -13.93 4.10 16.96
N LEU A 266 -15.02 3.89 16.22
CA LEU A 266 -16.33 4.43 16.60
C LEU A 266 -17.18 3.39 17.33
N PRO A 267 -17.71 3.75 18.50
CA PRO A 267 -18.67 2.90 19.23
C PRO A 267 -19.87 2.55 18.36
N LYS A 268 -20.42 3.53 17.64
CA LYS A 268 -21.50 3.27 16.70
C LYS A 268 -21.32 4.11 15.46
N PRO A 269 -21.89 3.67 14.33
CA PRO A 269 -21.73 4.46 13.09
C PRO A 269 -22.25 5.88 13.23
N LEU A 270 -21.57 6.81 12.57
CA LEU A 270 -21.91 8.23 12.60
C LEU A 270 -22.75 8.63 11.39
N THR A 271 -23.70 9.51 11.63
CA THR A 271 -24.50 10.14 10.59
C THR A 271 -24.23 11.64 10.64
N LEU A 272 -23.79 12.24 9.53
CA LEU A 272 -23.67 13.68 9.52
C LEU A 272 -24.34 14.34 8.32
N ARG A 273 -24.65 15.61 8.50
CA ARG A 273 -25.27 16.42 7.46
C ARG A 273 -24.46 17.70 7.27
N TRP A 274 -24.72 18.39 6.17
CA TRP A 274 -24.15 19.71 6.01
C TRP A 274 -24.81 20.63 7.01
N GLU A 275 -23.98 21.34 7.76
CA GLU A 275 -24.47 22.33 8.72
C GLU A 275 -24.16 23.73 8.18
N PRO A 276 -25.15 24.39 7.57
CA PRO A 276 -24.88 25.76 7.12
C PRO A 276 -24.81 26.70 8.33
N MET B 1 4.24 -5.68 -21.16
CA MET B 1 3.10 -6.55 -20.87
C MET B 1 1.84 -5.72 -20.73
N ILE B 2 1.08 -6.02 -19.69
CA ILE B 2 -0.05 -5.19 -19.33
C ILE B 2 0.41 -4.20 -18.27
N GLN B 3 0.07 -2.94 -18.49
CA GLN B 3 0.56 -1.83 -17.69
C GLN B 3 -0.62 -1.06 -17.15
N ARG B 4 -0.44 -0.46 -15.97
CA ARG B 4 -1.51 0.29 -15.32
C ARG B 4 -1.05 1.68 -14.94
N THR B 5 -1.86 2.68 -15.26
CA THR B 5 -1.43 4.05 -15.09
C THR B 5 -1.70 4.52 -13.65
N PRO B 6 -0.85 5.42 -13.12
CA PRO B 6 -1.05 5.83 -11.73
C PRO B 6 -2.25 6.71 -11.49
N LYS B 7 -2.86 6.48 -10.33
CA LYS B 7 -3.76 7.43 -9.68
C LYS B 7 -2.92 8.36 -8.86
N ILE B 8 -3.35 9.62 -8.75
CA ILE B 8 -2.55 10.64 -8.13
C ILE B 8 -3.44 11.47 -7.23
N GLN B 9 -2.99 11.67 -5.99
CA GLN B 9 -3.66 12.60 -5.05
C GLN B 9 -2.61 13.48 -4.39
N VAL B 10 -2.87 14.79 -4.38
CA VAL B 10 -2.00 15.77 -3.76
CA VAL B 10 -2.00 15.75 -3.75
C VAL B 10 -2.76 16.44 -2.63
N TYR B 11 -2.15 16.52 -1.46
CA TYR B 11 -2.89 16.93 -0.27
C TYR B 11 -1.95 17.21 0.88
N SER B 12 -2.45 17.79 1.97
CA SER B 12 -1.60 18.04 3.11
C SER B 12 -1.85 17.07 4.28
N ARG B 13 -0.86 16.92 5.13
CA ARG B 13 -1.03 16.03 6.28
C ARG B 13 -2.09 16.51 7.25
N HIS B 14 -2.05 17.82 7.54
CA HIS B 14 -3.05 18.50 8.37
C HIS B 14 -3.79 19.55 7.52
N PRO B 15 -5.04 19.93 7.92
CA PRO B 15 -5.73 21.04 7.25
C PRO B 15 -4.82 22.26 7.15
N ALA B 16 -4.82 22.92 5.99
CA ALA B 16 -3.83 23.96 5.75
C ALA B 16 -4.16 25.28 6.46
N GLU B 17 -3.16 25.85 7.12
CA GLU B 17 -3.28 27.21 7.67
C GLU B 17 -2.05 28.04 7.31
N ASN B 18 -2.28 29.14 6.57
CA ASN B 18 -1.18 29.99 6.11
C ASN B 18 -0.26 30.35 7.27
N GLY B 19 1.05 30.25 7.04
CA GLY B 19 2.04 30.47 8.07
C GLY B 19 2.35 29.34 9.03
N LYS B 20 1.55 28.26 8.98
CA LYS B 20 1.76 27.14 9.90
C LYS B 20 2.41 25.95 9.19
N SER B 21 3.48 25.40 9.78
CA SER B 21 4.23 24.31 9.18
C SER B 21 3.35 23.09 8.96
N ASN B 22 3.63 22.33 7.90
CA ASN B 22 2.75 21.24 7.51
C ASN B 22 3.59 20.28 6.68
N PHE B 23 2.93 19.31 6.05
CA PHE B 23 3.59 18.41 5.08
C PHE B 23 2.72 18.33 3.87
N LEU B 24 3.37 18.42 2.71
CA LEU B 24 2.71 18.28 1.41
C LEU B 24 2.94 16.86 0.91
N ASN B 25 1.85 16.19 0.55
CA ASN B 25 1.89 14.79 0.13
C ASN B 25 1.49 14.61 -1.32
N CYS B 26 2.20 13.71 -2.01
CA CYS B 26 1.72 13.24 -3.29
C CYS B 26 1.67 11.71 -3.23
N TYR B 27 0.47 11.16 -3.33
CA TYR B 27 0.28 9.73 -3.16
C TYR B 27 -0.01 9.15 -4.53
N VAL B 28 0.86 8.24 -4.98
CA VAL B 28 0.66 7.64 -6.29
C VAL B 28 0.36 6.16 -6.08
N SER B 29 -0.65 5.66 -6.77
CA SER B 29 -1.12 4.29 -6.48
C SER B 29 -1.71 3.68 -7.71
N GLY B 30 -1.92 2.38 -7.66
CA GLY B 30 -2.61 1.72 -8.76
C GLY B 30 -1.79 1.49 -10.02
N PHE B 31 -0.47 1.68 -9.95
CA PHE B 31 0.35 1.63 -11.17
C PHE B 31 1.18 0.33 -11.29
N HIS B 32 1.52 0.00 -12.53
CA HIS B 32 2.38 -1.17 -12.80
C HIS B 32 2.95 -0.93 -14.20
N PRO B 33 4.27 -1.09 -14.38
CA PRO B 33 5.30 -1.53 -13.45
C PRO B 33 5.72 -0.45 -12.43
N SER B 34 6.76 -0.73 -11.65
CA SER B 34 7.02 0.04 -10.45
C SER B 34 7.83 1.31 -10.72
N ASP B 35 8.55 1.39 -11.84
CA ASP B 35 9.32 2.62 -12.11
C ASP B 35 8.36 3.82 -12.26
N ILE B 36 8.64 4.90 -11.55
CA ILE B 36 7.80 6.08 -11.62
C ILE B 36 8.63 7.30 -11.22
N GLU B 37 8.33 8.44 -11.82
CA GLU B 37 9.02 9.69 -11.52
C GLU B 37 8.05 10.63 -10.91
N VAL B 38 8.32 11.07 -9.68
CA VAL B 38 7.40 11.95 -8.98
C VAL B 38 8.14 13.16 -8.44
N ASP B 39 7.67 14.35 -8.82
CA ASP B 39 8.21 15.60 -8.28
C ASP B 39 7.12 16.39 -7.59
N LEU B 40 7.51 17.09 -6.54
CA LEU B 40 6.65 18.08 -5.91
CA LEU B 40 6.62 18.07 -5.93
C LEU B 40 7.06 19.46 -6.39
N LEU B 41 6.08 20.28 -6.76
CA LEU B 41 6.38 21.59 -7.36
C LEU B 41 5.91 22.72 -6.47
N LYS B 42 6.72 23.77 -6.36
CA LYS B 42 6.34 25.01 -5.68
C LYS B 42 6.39 26.14 -6.69
N ASN B 43 5.24 26.67 -7.09
CA ASN B 43 5.16 27.64 -8.19
C ASN B 43 5.90 27.14 -9.43
N GLY B 44 5.61 25.89 -9.79
CA GLY B 44 6.17 25.28 -10.97
C GLY B 44 7.59 24.77 -10.88
N GLU B 45 8.27 25.02 -9.77
CA GLU B 45 9.66 24.59 -9.64
C GLU B 45 9.80 23.36 -8.73
N ARG B 46 10.74 22.48 -9.08
CA ARG B 46 10.93 21.24 -8.34
C ARG B 46 11.52 21.46 -6.95
N ILE B 47 10.81 21.01 -5.92
CA ILE B 47 11.30 21.04 -4.57
C ILE B 47 12.40 20.00 -4.38
N GLU B 48 13.50 20.40 -3.75
CA GLU B 48 14.69 19.55 -3.67
C GLU B 48 14.63 18.46 -2.61
N LYS B 49 14.16 18.79 -1.44
CA LYS B 49 14.22 17.83 -0.35
C LYS B 49 12.89 17.10 -0.23
N VAL B 50 12.73 16.06 -1.05
CA VAL B 50 11.50 15.26 -1.04
C VAL B 50 11.83 13.83 -0.66
N GLU B 51 11.13 13.31 0.34
CA GLU B 51 11.29 11.94 0.78
C GLU B 51 10.18 11.05 0.24
N HIS B 52 10.36 9.74 0.27
CA HIS B 52 9.26 8.87 -0.13
C HIS B 52 9.26 7.58 0.65
N SER B 53 8.10 6.94 0.66
CA SER B 53 7.94 5.66 1.33
C SER B 53 8.64 4.50 0.63
N ASP B 54 8.75 3.37 1.33
CA ASP B 54 9.31 2.16 0.73
C ASP B 54 8.29 1.49 -0.20
N LEU B 55 8.76 1.05 -1.36
CA LEU B 55 7.86 0.44 -2.36
C LEU B 55 7.06 -0.71 -1.80
N SER B 56 5.72 -0.62 -1.94
CA SER B 56 4.86 -1.72 -1.54
C SER B 56 3.74 -1.84 -2.57
N PHE B 57 2.85 -2.79 -2.37
CA PHE B 57 1.78 -2.96 -3.35
C PHE B 57 0.51 -3.47 -2.69
N SER B 58 -0.57 -3.26 -3.42
CA SER B 58 -1.92 -3.67 -3.01
C SER B 58 -2.24 -5.12 -3.37
N LYS B 59 -3.37 -5.62 -2.87
CA LYS B 59 -3.77 -7.00 -3.17
C LYS B 59 -3.98 -7.29 -4.65
N ASP B 60 -4.15 -6.25 -5.48
CA ASP B 60 -4.27 -6.44 -6.92
C ASP B 60 -2.93 -6.31 -7.65
N TRP B 61 -1.84 -6.35 -6.86
CA TRP B 61 -0.45 -6.23 -7.29
C TRP B 61 -0.02 -4.84 -7.75
N SER B 62 -0.93 -3.87 -7.72
CA SER B 62 -0.51 -2.56 -8.18
C SER B 62 0.27 -1.84 -7.08
N PHE B 63 1.24 -1.03 -7.49
CA PHE B 63 2.19 -0.40 -6.54
C PHE B 63 1.63 0.89 -5.96
N TYR B 64 2.14 1.28 -4.80
CA TYR B 64 1.83 2.61 -4.27
C TYR B 64 3.05 3.20 -3.54
N LEU B 65 3.15 4.54 -3.55
CA LEU B 65 4.24 5.27 -2.93
C LEU B 65 3.68 6.60 -2.44
N LEU B 66 4.17 7.05 -1.29
CA LEU B 66 3.90 8.37 -0.78
C LEU B 66 5.17 9.22 -0.90
N TYR B 67 5.06 10.34 -1.62
CA TYR B 67 6.14 11.33 -1.67
C TYR B 67 5.75 12.51 -0.78
N TYR B 68 6.69 13.06 -0.01
CA TYR B 68 6.28 14.10 0.93
C TYR B 68 7.40 15.04 1.28
N THR B 69 7.03 16.25 1.68
CA THR B 69 8.02 17.26 2.06
C THR B 69 7.39 18.22 3.02
N GLU B 70 8.19 18.73 3.96
CA GLU B 70 7.74 19.76 4.89
C GLU B 70 7.51 21.05 4.11
N PHE B 71 6.44 21.77 4.44
CA PHE B 71 6.21 23.06 3.81
C PHE B 71 5.38 23.95 4.72
N THR B 72 5.45 25.25 4.47
CA THR B 72 4.61 26.22 5.17
C THR B 72 3.76 26.94 4.15
N PRO B 73 2.47 26.61 4.10
CA PRO B 73 1.64 27.22 3.04
C PRO B 73 1.45 28.72 3.25
N THR B 74 1.25 29.43 2.15
CA THR B 74 0.93 30.85 2.17
C THR B 74 -0.23 31.08 1.22
N GLU B 75 -0.76 32.29 1.17
CA GLU B 75 -1.88 32.56 0.26
C GLU B 75 -1.40 32.57 -1.19
N LYS B 76 -0.14 32.95 -1.40
CA LYS B 76 0.35 33.24 -2.74
C LYS B 76 0.89 32.01 -3.47
N ASP B 77 1.53 31.11 -2.73
CA ASP B 77 2.25 29.99 -3.35
C ASP B 77 1.31 28.90 -3.84
N GLU B 78 1.64 28.34 -5.00
CA GLU B 78 0.87 27.24 -5.57
C GLU B 78 1.71 25.98 -5.52
N TYR B 79 1.07 24.87 -5.17
CA TYR B 79 1.78 23.60 -5.11
C TYR B 79 1.15 22.58 -6.06
N ALA B 80 1.97 21.63 -6.51
CA ALA B 80 1.49 20.60 -7.42
C ALA B 80 2.38 19.37 -7.31
N CYS B 81 1.88 18.24 -7.83
CA CYS B 81 2.70 17.04 -7.96
C CYS B 81 2.82 16.75 -9.46
N ARG B 82 4.01 16.37 -9.92
CA ARG B 82 4.22 16.02 -11.32
C ARG B 82 4.69 14.58 -11.44
N VAL B 83 3.98 13.80 -12.26
CA VAL B 83 4.20 12.37 -12.34
C VAL B 83 4.48 11.89 -13.77
N ASN B 84 5.52 11.09 -13.93
CA ASN B 84 5.70 10.42 -15.20
C ASN B 84 5.77 8.92 -14.96
N HIS B 85 5.34 8.18 -15.97
CA HIS B 85 5.27 6.72 -15.89
C HIS B 85 5.28 6.22 -17.32
N VAL B 86 5.66 4.97 -17.53
CA VAL B 86 5.72 4.44 -18.90
C VAL B 86 4.35 4.58 -19.60
N THR B 87 3.25 4.52 -18.85
CA THR B 87 1.90 4.63 -19.39
C THR B 87 1.48 6.05 -19.82
N LEU B 88 2.23 7.06 -19.41
CA LEU B 88 1.90 8.45 -19.73
C LEU B 88 2.75 9.01 -20.88
N SER B 89 2.07 9.58 -21.88
CA SER B 89 2.75 10.23 -23.01
C SER B 89 3.63 11.37 -22.55
N GLN B 90 3.11 12.18 -21.62
CA GLN B 90 3.89 13.27 -21.06
C GLN B 90 3.57 13.36 -19.56
N PRO B 91 4.43 14.06 -18.80
CA PRO B 91 4.18 14.18 -17.36
C PRO B 91 2.78 14.72 -17.04
N LYS B 92 2.16 14.16 -16.01
N LYS B 92 2.13 14.15 -16.04
CA LYS B 92 0.85 14.61 -15.54
CA LYS B 92 0.84 14.66 -15.59
C LYS B 92 1.04 15.52 -14.33
C LYS B 92 1.05 15.53 -14.37
N ILE B 93 0.44 16.70 -14.36
CA ILE B 93 0.56 17.63 -13.23
C ILE B 93 -0.77 17.74 -12.51
N VAL B 94 -0.79 17.50 -11.21
CA VAL B 94 -2.03 17.64 -10.43
C VAL B 94 -1.83 18.72 -9.39
N LYS B 95 -2.67 19.74 -9.44
CA LYS B 95 -2.47 20.89 -8.56
C LYS B 95 -3.05 20.64 -7.18
N TRP B 96 -2.39 21.16 -6.16
CA TRP B 96 -2.96 21.11 -4.83
C TRP B 96 -4.11 22.09 -4.69
N ASP B 97 -5.28 21.57 -4.35
CA ASP B 97 -6.47 22.35 -4.03
C ASP B 97 -6.75 22.09 -2.55
N ARG B 98 -6.73 23.12 -1.71
CA ARG B 98 -6.90 22.90 -0.27
C ARG B 98 -8.20 22.15 0.09
N ASP B 99 -9.20 22.34 -0.76
CA ASP B 99 -10.53 21.81 -0.50
CA ASP B 99 -10.55 21.84 -0.53
C ASP B 99 -10.82 20.51 -1.24
N MET B 100 -9.87 20.06 -2.04
CA MET B 100 -10.10 18.85 -2.81
C MET B 100 -8.81 18.08 -3.00
N LEU C 1 8.41 -11.57 11.74
CA LEU C 1 9.49 -12.47 11.37
C LEU C 1 9.22 -13.12 10.02
N SER C 2 10.14 -12.98 9.08
CA SER C 2 9.92 -13.45 7.71
C SER C 2 10.04 -14.98 7.59
N SER C 3 9.55 -15.50 6.46
CA SER C 3 9.59 -16.93 6.20
C SER C 3 10.94 -17.37 5.69
N PRO C 4 11.46 -18.47 6.22
CA PRO C 4 12.76 -18.95 5.79
C PRO C 4 12.69 -19.85 4.57
N VAL C 5 11.48 -20.13 4.10
CA VAL C 5 11.28 -21.22 3.13
C VAL C 5 11.74 -20.84 1.71
N THR C 6 12.57 -21.68 1.08
CA THR C 6 13.01 -21.42 -0.29
C THR C 6 11.96 -21.77 -1.31
N LYS C 7 11.63 -20.79 -2.14
CA LYS C 7 10.60 -20.97 -3.14
C LYS C 7 11.22 -20.77 -4.53
N SER C 8 11.96 -21.77 -5.01
CA SER C 8 12.56 -21.71 -6.34
CA SER C 8 12.58 -21.74 -6.34
C SER C 8 11.54 -22.13 -7.39
N TRP C 9 11.38 -21.30 -8.43
CA TRP C 9 10.32 -21.53 -9.42
C TRP C 9 10.63 -22.66 -10.39
#